data_6D26
#
_entry.id   6D26
#
_cell.length_a   50.457
_cell.length_b   61.710
_cell.length_c   266.517
_cell.angle_alpha   90.000
_cell.angle_beta   90.000
_cell.angle_gamma   90.000
#
_symmetry.space_group_name_H-M   'P 21 21 21'
#
loop_
_entity.id
_entity.type
_entity.pdbx_description
1 polymer 'Prostaglandin D2 receptor 2, Endolysin chimera'
2 non-polymer fevipiprant
3 non-polymer 'SULFATE ION'
4 non-polymer 'SUCCINIC ACID'
5 non-polymer 'TRIETHYLENE GLYCOL'
6 non-polymer 'OLEIC ACID'
7 non-polymer S-1,2-PROPANEDIOL
8 water water
#
_entity_poly.entity_id   1
_entity_poly.type   'polypeptide(L)'
_entity_poly.pdbx_seq_one_letter_code
;GMSANATLKPLCPILEQMSRLQSHSATSIRYIDHAAVLLHGLASLLGLVENGVILFVVGCRMRQTVVTTWVLHLALSDLL
ASASLPFFTYFLAVGHSWELGTTFCKLHSSIFFLNMFASGFLLSAISLDRCLQVVRPVWAQNHRTVAAAHKVCLVLWALA
VLNTVPYFVFRDTISRLDGRIMCYYNVLLLNPGPDRDATCNSRQAALAVSKFLLAFLVPLAIIASSHAAVSLRLQHRADL
GLQHRNIFEMLRIDEGGGSGGDEAEKLFNQDVDAAVRGILRNAKLKPVYDSLDAVRRAALINMVFQMGETGVAGFTNSLR
MLQQKRWDEAAVNLAKSRWYNQTPNRAKRVITTFRTGTWDAYRRRPGRFVRLVAAVVAAFALCWGPYHVFSLLEARAHAN
PGLRPLVWRGLPFVTSLAFFNSVANPVLYVLT(YCM)PDMLRKLRRSLRTVLESVLVDDSELGGAGSSLEVLFQ
;
_entity_poly.pdbx_strand_id   A
#
loop_
_chem_comp.id
_chem_comp.type
_chem_comp.name
_chem_comp.formula
FSY non-polymer fevipiprant 'C19 H17 F3 N2 O4 S'
OLA non-polymer 'OLEIC ACID' 'C18 H34 O2'
PGE non-polymer 'TRIETHYLENE GLYCOL' 'C6 H14 O4'
PGO non-polymer S-1,2-PROPANEDIOL 'C3 H8 O2'
SIN non-polymer 'SUCCINIC ACID' 'C4 H6 O4'
SO4 non-polymer 'SULFATE ION' 'O4 S -2'
#
# COMPACT_ATOMS: atom_id res chain seq x y z
N ALA A 6 36.53 12.32 25.39
CA ALA A 6 36.29 10.89 25.56
C ALA A 6 35.01 10.64 26.34
N THR A 7 34.09 9.89 25.73
CA THR A 7 32.82 9.58 26.37
C THR A 7 32.55 8.08 26.36
N LEU A 8 31.89 7.60 27.41
CA LEU A 8 31.55 6.18 27.52
C LEU A 8 30.03 5.98 27.53
N LYS A 9 29.56 5.08 26.68
CA LYS A 9 28.13 4.77 26.63
C LYS A 9 27.88 3.30 26.98
N PRO A 10 26.89 3.06 27.85
CA PRO A 10 26.48 1.70 28.20
C PRO A 10 25.73 1.03 27.05
N LEU A 11 26.07 -0.21 26.76
CA LEU A 11 25.47 -0.94 25.65
C LEU A 11 24.82 -2.24 26.11
N CYS A 12 24.03 -2.86 25.22
CA CYS A 12 23.45 -4.15 25.49
C CYS A 12 24.54 -5.23 25.36
N PRO A 13 24.37 -6.36 26.08
CA PRO A 13 25.33 -7.46 25.97
C PRO A 13 25.44 -8.01 24.54
N ILE A 14 24.42 -7.78 23.72
CA ILE A 14 24.46 -8.18 22.32
C ILE A 14 25.42 -7.30 21.53
N LEU A 15 25.34 -5.99 21.74
CA LEU A 15 26.24 -5.06 21.06
C LEU A 15 27.66 -5.13 21.60
N GLU A 16 27.77 -5.34 22.91
CA GLU A 16 29.07 -5.41 23.58
C GLU A 16 29.87 -6.61 23.08
N GLN A 17 29.18 -7.73 22.90
CA GLN A 17 29.79 -8.93 22.34
C GLN A 17 30.11 -8.70 20.86
N MET A 18 29.35 -7.80 20.24
CA MET A 18 29.48 -7.50 18.82
C MET A 18 30.61 -6.50 18.56
N SER A 19 30.96 -5.73 19.58
CA SER A 19 31.96 -4.69 19.44
C SER A 19 33.38 -5.21 19.63
N ARG A 20 33.53 -6.53 19.65
CA ARG A 20 34.85 -7.15 19.78
C ARG A 20 35.03 -8.29 18.77
N LEU A 21 34.04 -8.44 17.89
CA LEU A 21 34.10 -9.49 16.87
C LEU A 21 34.98 -9.10 15.70
N GLN A 22 36.02 -9.90 15.46
CA GLN A 22 36.92 -9.69 14.34
C GLN A 22 37.73 -10.96 14.05
N SER A 23 38.12 -11.14 12.80
CA SER A 23 38.90 -12.31 12.40
C SER A 23 40.31 -12.27 12.95
N HIS A 24 41.02 -11.17 12.71
CA HIS A 24 42.38 -11.00 13.21
C HIS A 24 42.38 -10.38 14.59
N SER A 25 43.27 -10.86 15.46
CA SER A 25 43.34 -10.40 16.83
C SER A 25 43.94 -9.00 16.96
N ALA A 26 43.07 -8.03 17.24
CA ALA A 26 43.48 -6.65 17.48
C ALA A 26 44.24 -6.03 16.31
N THR A 27 43.50 -5.49 15.34
CA THR A 27 44.09 -4.79 14.21
C THR A 27 43.04 -3.89 13.54
N SER A 28 43.50 -2.88 12.82
CA SER A 28 42.59 -1.95 12.15
C SER A 28 42.39 -2.32 10.69
N ILE A 29 43.04 -3.39 10.25
CA ILE A 29 42.94 -3.84 8.87
C ILE A 29 41.58 -4.49 8.61
N ARG A 30 40.77 -3.83 7.78
CA ARG A 30 39.42 -4.31 7.49
C ARG A 30 39.39 -5.21 6.26
N TYR A 31 38.82 -6.40 6.42
CA TYR A 31 38.62 -7.30 5.29
C TYR A 31 37.39 -6.86 4.51
N ILE A 32 37.51 -6.84 3.18
CA ILE A 32 36.44 -6.33 2.33
C ILE A 32 35.90 -7.38 1.36
N ASP A 33 34.59 -7.59 1.42
CA ASP A 33 33.92 -8.46 0.46
C ASP A 33 33.47 -7.64 -0.74
N HIS A 34 34.32 -7.57 -1.76
CA HIS A 34 34.05 -6.74 -2.93
C HIS A 34 32.93 -7.33 -3.79
N ALA A 35 32.68 -8.63 -3.62
CA ALA A 35 31.61 -9.30 -4.34
C ALA A 35 30.26 -8.76 -3.91
N ALA A 36 30.13 -8.44 -2.63
CA ALA A 36 28.89 -7.90 -2.09
C ALA A 36 28.76 -6.42 -2.40
N VAL A 37 29.89 -5.73 -2.54
CA VAL A 37 29.88 -4.31 -2.85
C VAL A 37 29.32 -4.06 -4.24
N LEU A 38 29.79 -4.83 -5.21
CA LEU A 38 29.29 -4.72 -6.58
C LEU A 38 27.83 -5.18 -6.66
N LEU A 39 27.52 -6.23 -5.92
CA LEU A 39 26.17 -6.78 -5.89
C LEU A 39 25.16 -5.73 -5.42
N HIS A 40 25.41 -5.14 -4.26
CA HIS A 40 24.54 -4.10 -3.74
C HIS A 40 24.69 -2.82 -4.52
N GLY A 41 25.82 -2.66 -5.20
CA GLY A 41 26.06 -1.50 -6.04
C GLY A 41 25.16 -1.53 -7.26
N LEU A 42 25.11 -2.67 -7.93
CA LEU A 42 24.23 -2.86 -9.08
C LEU A 42 22.77 -2.82 -8.63
N ALA A 43 22.52 -3.41 -7.46
CA ALA A 43 21.17 -3.43 -6.89
C ALA A 43 20.69 -2.00 -6.61
N SER A 44 21.63 -1.14 -6.21
CA SER A 44 21.31 0.26 -5.99
C SER A 44 20.99 0.94 -7.32
N LEU A 45 21.74 0.57 -8.36
CA LEU A 45 21.55 1.15 -9.68
C LEU A 45 20.24 0.68 -10.30
N LEU A 46 20.00 -0.63 -10.26
CA LEU A 46 18.78 -1.21 -10.82
C LEU A 46 17.54 -0.66 -10.14
N GLY A 47 17.56 -0.66 -8.80
CA GLY A 47 16.42 -0.20 -8.03
C GLY A 47 16.00 1.23 -8.35
N LEU A 48 16.98 2.12 -8.53
CA LEU A 48 16.69 3.51 -8.81
C LEU A 48 16.15 3.71 -10.23
N VAL A 49 16.67 2.93 -11.18
CA VAL A 49 16.25 3.03 -12.57
C VAL A 49 14.90 2.35 -12.80
N GLU A 50 14.74 1.15 -12.25
CA GLU A 50 13.51 0.38 -12.42
C GLU A 50 12.30 1.11 -11.85
N ASN A 51 12.36 1.45 -10.57
CA ASN A 51 11.27 2.19 -9.93
C ASN A 51 11.14 3.59 -10.52
N GLY A 52 12.23 4.09 -11.08
CA GLY A 52 12.23 5.40 -11.72
C GLY A 52 11.31 5.43 -12.92
N VAL A 53 11.46 4.45 -13.81
CA VAL A 53 10.65 4.40 -15.02
C VAL A 53 9.23 3.90 -14.72
N ILE A 54 9.10 3.10 -13.67
CA ILE A 54 7.78 2.60 -13.27
C ILE A 54 6.89 3.77 -12.83
N LEU A 55 7.46 4.66 -12.02
CA LEU A 55 6.76 5.86 -11.58
C LEU A 55 6.32 6.71 -12.77
N PHE A 56 7.19 6.80 -13.78
CA PHE A 56 6.90 7.58 -14.97
C PHE A 56 5.77 6.92 -15.79
N VAL A 57 5.87 5.61 -15.98
CA VAL A 57 4.88 4.88 -16.77
C VAL A 57 3.50 4.92 -16.12
N VAL A 58 3.43 4.45 -14.88
CA VAL A 58 2.16 4.39 -14.16
C VAL A 58 1.61 5.78 -13.87
N GLY A 59 2.50 6.74 -13.64
CA GLY A 59 2.11 8.07 -13.20
C GLY A 59 1.86 9.10 -14.28
N CYS A 60 2.36 8.86 -15.49
CA CYS A 60 2.25 9.87 -16.55
C CYS A 60 1.70 9.34 -17.87
N ARG A 61 2.07 8.12 -18.24
CA ARG A 61 1.65 7.56 -19.52
C ARG A 61 0.44 6.64 -19.39
N MET A 62 0.07 6.33 -18.15
CA MET A 62 -1.02 5.41 -17.89
C MET A 62 -2.21 6.13 -17.24
N ARG A 63 -3.43 5.75 -17.65
CA ARG A 63 -4.63 6.38 -17.12
C ARG A 63 -4.80 6.08 -15.64
N GLN A 64 -4.93 7.13 -14.84
CA GLN A 64 -4.93 7.01 -13.38
C GLN A 64 -6.21 6.37 -12.84
N THR A 65 -6.05 5.26 -12.13
CA THR A 65 -7.15 4.59 -11.45
C THR A 65 -6.81 4.44 -9.97
N VAL A 66 -7.74 3.87 -9.20
CA VAL A 66 -7.52 3.64 -7.78
C VAL A 66 -6.38 2.64 -7.57
N VAL A 67 -6.41 1.55 -8.33
CA VAL A 67 -5.42 0.48 -8.20
C VAL A 67 -4.01 0.97 -8.55
N THR A 68 -3.89 1.72 -9.64
CA THR A 68 -2.59 2.23 -10.07
C THR A 68 -2.00 3.19 -9.04
N THR A 69 -2.87 3.84 -8.27
CA THR A 69 -2.43 4.74 -7.21
C THR A 69 -1.70 3.96 -6.12
N TRP A 70 -2.22 2.77 -5.79
CA TRP A 70 -1.56 1.90 -4.82
C TRP A 70 -0.17 1.52 -5.33
N VAL A 71 -0.13 1.01 -6.56
CA VAL A 71 1.12 0.60 -7.20
C VAL A 71 2.09 1.77 -7.30
N LEU A 72 1.56 2.96 -7.55
CA LEU A 72 2.37 4.17 -7.66
C LEU A 72 3.13 4.44 -6.36
N HIS A 73 2.41 4.41 -5.25
CA HIS A 73 3.02 4.59 -3.93
C HIS A 73 3.85 3.38 -3.54
N LEU A 74 3.41 2.21 -4.00
CA LEU A 74 4.12 0.97 -3.72
C LEU A 74 5.51 0.99 -4.35
N ALA A 75 5.61 1.62 -5.51
CA ALA A 75 6.87 1.76 -6.21
C ALA A 75 7.62 3.00 -5.74
N LEU A 76 6.92 3.87 -5.04
CA LEU A 76 7.53 5.07 -4.47
C LEU A 76 8.35 4.72 -3.23
N SER A 77 7.79 3.84 -2.40
CA SER A 77 8.48 3.40 -1.19
C SER A 77 9.74 2.62 -1.53
N ASP A 78 9.67 1.84 -2.62
CA ASP A 78 10.80 1.05 -3.05
C ASP A 78 11.85 1.91 -3.75
N LEU A 79 11.45 3.10 -4.18
CA LEU A 79 12.38 4.05 -4.77
C LEU A 79 13.29 4.63 -3.68
N LEU A 80 12.68 4.95 -2.54
CA LEU A 80 13.43 5.45 -1.39
C LEU A 80 14.35 4.38 -0.83
N ALA A 81 13.87 3.14 -0.81
CA ALA A 81 14.65 2.01 -0.35
C ALA A 81 15.87 1.81 -1.22
N SER A 82 15.76 2.21 -2.49
CA SER A 82 16.86 2.12 -3.43
C SER A 82 17.73 3.38 -3.38
N ALA A 83 17.27 4.37 -2.62
CA ALA A 83 18.01 5.63 -2.50
C ALA A 83 18.97 5.59 -1.31
N SER A 84 18.63 4.82 -0.29
CA SER A 84 19.47 4.66 0.89
C SER A 84 20.46 3.53 0.68
N LEU A 85 20.12 2.62 -0.23
CA LEU A 85 20.94 1.46 -0.53
C LEU A 85 22.37 1.76 -0.99
N PRO A 86 22.59 2.82 -1.78
CA PRO A 86 23.99 3.14 -2.13
C PRO A 86 24.86 3.45 -0.92
N PHE A 87 24.27 4.04 0.12
CA PHE A 87 24.99 4.34 1.35
C PHE A 87 25.35 3.06 2.09
N PHE A 88 24.57 2.01 1.85
CA PHE A 88 24.86 0.70 2.42
C PHE A 88 25.98 0.03 1.64
N THR A 89 26.11 0.38 0.37
CA THR A 89 27.20 -0.13 -0.46
C THR A 89 28.52 0.49 -0.02
N TYR A 90 28.47 1.79 0.27
CA TYR A 90 29.64 2.50 0.78
C TYR A 90 30.07 1.90 2.11
N PHE A 91 29.10 1.51 2.92
CA PHE A 91 29.33 0.87 4.20
C PHE A 91 30.15 -0.40 4.05
N LEU A 92 29.85 -1.17 3.01
CA LEU A 92 30.55 -2.42 2.74
C LEU A 92 31.91 -2.16 2.09
N ALA A 93 31.96 -1.16 1.23
CA ALA A 93 33.20 -0.81 0.52
C ALA A 93 34.29 -0.38 1.48
N VAL A 94 33.90 0.30 2.55
CA VAL A 94 34.84 0.74 3.57
C VAL A 94 35.33 -0.44 4.41
N GLY A 95 34.43 -1.40 4.65
CA GLY A 95 34.77 -2.58 5.41
C GLY A 95 33.86 -2.77 6.60
N HIS A 96 32.56 -2.63 6.35
CA HIS A 96 31.54 -2.72 7.39
C HIS A 96 31.76 -1.69 8.49
N SER A 97 31.77 -0.42 8.09
CA SER A 97 31.92 0.69 9.03
C SER A 97 31.14 1.91 8.54
N TRP A 98 30.43 2.55 9.47
CA TRP A 98 29.65 3.74 9.13
C TRP A 98 30.46 5.00 9.36
N GLU A 99 30.82 5.68 8.28
CA GLU A 99 31.70 6.84 8.36
C GLU A 99 31.02 8.14 7.97
N LEU A 100 29.69 8.17 8.05
CA LEU A 100 28.93 9.34 7.59
C LEU A 100 28.09 9.98 8.70
N GLY A 101 28.67 10.14 9.88
CA GLY A 101 27.98 10.80 10.97
C GLY A 101 26.95 9.94 11.67
N THR A 102 26.24 10.55 12.61
CA THR A 102 25.27 9.83 13.44
C THR A 102 23.83 10.12 13.03
N THR A 103 23.56 11.38 12.68
CA THR A 103 22.22 11.77 12.25
C THR A 103 21.85 11.11 10.93
N PHE A 104 22.82 11.07 10.01
CA PHE A 104 22.61 10.43 8.72
CA PHE A 104 22.61 10.42 8.71
C PHE A 104 22.42 8.92 8.88
N CYS A 105 23.00 8.38 9.95
CA CYS A 105 22.85 6.97 10.28
C CYS A 105 21.41 6.66 10.67
N LYS A 106 20.79 7.60 11.38
CA LYS A 106 19.40 7.47 11.78
C LYS A 106 18.48 7.57 10.57
N LEU A 107 18.79 8.50 9.67
CA LEU A 107 18.00 8.71 8.47
C LEU A 107 18.06 7.50 7.55
N HIS A 108 19.28 7.07 7.23
CA HIS A 108 19.51 5.92 6.37
C HIS A 108 18.81 4.66 6.87
N SER A 109 18.80 4.49 8.19
CA SER A 109 18.16 3.34 8.79
C SER A 109 16.63 3.47 8.75
N SER A 110 16.16 4.70 8.93
CA SER A 110 14.72 4.97 8.94
C SER A 110 14.07 4.65 7.61
N ILE A 111 14.81 4.88 6.53
CA ILE A 111 14.31 4.62 5.19
C ILE A 111 14.01 3.14 4.99
N PHE A 112 14.83 2.28 5.58
CA PHE A 112 14.61 0.84 5.53
C PHE A 112 13.28 0.45 6.17
N PHE A 113 13.04 0.98 7.37
CA PHE A 113 11.82 0.65 8.10
C PHE A 113 10.61 1.37 7.53
N LEU A 114 10.83 2.57 7.00
CA LEU A 114 9.77 3.33 6.35
C LEU A 114 9.22 2.54 5.17
N ASN A 115 10.13 2.02 4.35
CA ASN A 115 9.76 1.15 3.25
C ASN A 115 9.03 -0.09 3.73
N MET A 116 9.49 -0.64 4.85
CA MET A 116 8.90 -1.86 5.41
C MET A 116 7.45 -1.66 5.83
N PHE A 117 7.22 -0.63 6.64
CA PHE A 117 5.86 -0.36 7.13
C PHE A 117 4.94 0.06 5.99
N ALA A 118 5.45 0.86 5.06
CA ALA A 118 4.66 1.32 3.92
C ALA A 118 4.25 0.16 3.04
N SER A 119 5.20 -0.71 2.71
CA SER A 119 4.92 -1.88 1.87
C SER A 119 3.98 -2.86 2.57
N GLY A 120 3.92 -2.79 3.89
CA GLY A 120 3.02 -3.63 4.65
C GLY A 120 1.63 -3.03 4.75
N PHE A 121 1.58 -1.70 4.85
CA PHE A 121 0.32 -0.99 4.99
C PHE A 121 -0.38 -0.88 3.64
N LEU A 122 0.39 -0.66 2.58
CA LEU A 122 -0.16 -0.54 1.24
C LEU A 122 -0.74 -1.88 0.76
N LEU A 123 0.02 -2.96 0.97
CA LEU A 123 -0.46 -4.28 0.58
C LEU A 123 -1.70 -4.67 1.37
N SER A 124 -1.85 -4.09 2.55
CA SER A 124 -3.06 -4.28 3.35
C SER A 124 -4.20 -3.47 2.74
N ALA A 125 -3.90 -2.23 2.36
CA ALA A 125 -4.88 -1.35 1.74
C ALA A 125 -5.38 -1.93 0.43
N ILE A 126 -4.47 -2.49 -0.35
CA ILE A 126 -4.81 -3.11 -1.63
C ILE A 126 -5.78 -4.27 -1.44
N SER A 127 -5.50 -5.12 -0.46
CA SER A 127 -6.35 -6.27 -0.18
C SER A 127 -7.73 -5.84 0.31
N LEU A 128 -7.76 -4.81 1.16
CA LEU A 128 -9.02 -4.30 1.70
C LEU A 128 -9.83 -3.57 0.62
N ASP A 129 -9.14 -2.87 -0.26
CA ASP A 129 -9.80 -2.17 -1.36
C ASP A 129 -10.46 -3.17 -2.30
N ARG A 130 -9.72 -4.22 -2.64
CA ARG A 130 -10.24 -5.29 -3.49
C ARG A 130 -11.39 -6.02 -2.79
N CYS A 131 -11.31 -6.10 -1.47
CA CYS A 131 -12.36 -6.73 -0.67
C CYS A 131 -13.66 -5.93 -0.76
N LEU A 132 -13.55 -4.61 -0.62
CA LEU A 132 -14.71 -3.72 -0.66
C LEU A 132 -15.33 -3.69 -2.05
N GLN A 133 -14.51 -3.90 -3.07
CA GLN A 133 -14.97 -3.88 -4.45
C GLN A 133 -15.93 -5.03 -4.74
N VAL A 134 -15.67 -6.17 -4.11
CA VAL A 134 -16.46 -7.38 -4.35
C VAL A 134 -17.56 -7.54 -3.30
N VAL A 135 -17.21 -7.32 -2.03
CA VAL A 135 -18.14 -7.54 -0.93
C VAL A 135 -19.15 -6.40 -0.79
N ARG A 136 -18.70 -5.18 -1.06
CA ARG A 136 -19.56 -4.00 -0.94
C ARG A 136 -19.69 -3.24 -2.26
N PRO A 137 -20.38 -3.85 -3.26
CA PRO A 137 -20.45 -3.29 -4.61
C PRO A 137 -21.12 -1.93 -4.67
N VAL A 138 -22.23 -1.76 -3.98
CA VAL A 138 -23.01 -0.53 -4.04
C VAL A 138 -22.22 0.66 -3.47
N TRP A 139 -21.52 0.43 -2.37
CA TRP A 139 -20.69 1.49 -1.77
C TRP A 139 -19.49 1.77 -2.64
N ALA A 140 -18.88 0.72 -3.17
CA ALA A 140 -17.64 0.83 -3.93
C ALA A 140 -17.84 1.63 -5.21
N GLN A 141 -18.96 1.43 -5.90
CA GLN A 141 -19.21 2.11 -7.15
C GLN A 141 -19.53 3.59 -6.95
N ASN A 142 -19.66 4.01 -5.68
CA ASN A 142 -20.06 5.37 -5.38
C ASN A 142 -19.03 6.18 -4.59
N HIS A 143 -18.07 5.51 -3.96
CA HIS A 143 -17.13 6.22 -3.09
C HIS A 143 -15.67 5.83 -3.34
N ARG A 144 -15.44 4.84 -4.19
CA ARG A 144 -14.07 4.43 -4.52
C ARG A 144 -13.44 5.31 -5.58
N THR A 145 -13.34 6.61 -5.31
CA THR A 145 -12.71 7.53 -6.24
C THR A 145 -11.18 7.54 -6.06
N VAL A 146 -10.47 7.96 -7.11
CA VAL A 146 -9.02 8.04 -7.07
C VAL A 146 -8.56 9.04 -6.01
N ALA A 147 -9.29 10.14 -5.88
CA ALA A 147 -8.99 11.16 -4.89
C ALA A 147 -9.02 10.58 -3.48
N ALA A 148 -9.92 9.63 -3.24
CA ALA A 148 -10.00 8.95 -1.95
C ALA A 148 -8.79 8.06 -1.74
N ALA A 149 -8.42 7.33 -2.79
CA ALA A 149 -7.28 6.41 -2.73
C ALA A 149 -5.97 7.14 -2.49
N HIS A 150 -5.89 8.38 -2.97
CA HIS A 150 -4.70 9.20 -2.78
C HIS A 150 -4.60 9.67 -1.34
N LYS A 151 -5.74 10.02 -0.76
CA LYS A 151 -5.78 10.49 0.62
C LYS A 151 -5.53 9.35 1.60
N VAL A 152 -5.90 8.13 1.21
CA VAL A 152 -5.63 6.96 2.03
C VAL A 152 -4.13 6.72 2.12
N CYS A 153 -3.44 6.82 0.99
CA CYS A 153 -2.01 6.64 0.94
C CYS A 153 -1.28 7.66 1.80
N LEU A 154 -1.78 8.89 1.83
CA LEU A 154 -1.17 9.95 2.63
C LEU A 154 -1.29 9.63 4.12
N VAL A 155 -2.40 9.00 4.50
CA VAL A 155 -2.59 8.56 5.88
C VAL A 155 -1.65 7.38 6.17
N LEU A 156 -1.50 6.50 5.20
CA LEU A 156 -0.62 5.34 5.35
C LEU A 156 0.84 5.75 5.53
N TRP A 157 1.26 6.75 4.75
CA TRP A 157 2.60 7.29 4.89
C TRP A 157 2.79 7.94 6.25
N ALA A 158 1.77 8.65 6.70
CA ALA A 158 1.80 9.33 7.99
C ALA A 158 1.89 8.32 9.13
N LEU A 159 1.21 7.19 8.97
CA LEU A 159 1.27 6.13 9.97
C LEU A 159 2.57 5.36 9.87
N ALA A 160 3.15 5.34 8.67
CA ALA A 160 4.42 4.66 8.43
C ALA A 160 5.57 5.42 9.08
N VAL A 161 5.59 6.73 8.90
CA VAL A 161 6.64 7.56 9.48
C VAL A 161 6.48 7.64 11.00
N LEU A 162 5.27 7.36 11.48
CA LEU A 162 4.99 7.39 12.90
C LEU A 162 5.55 6.16 13.60
N ASN A 163 5.64 5.05 12.86
CA ASN A 163 6.14 3.80 13.43
C ASN A 163 7.63 3.59 13.18
N THR A 164 8.26 4.55 12.51
CA THR A 164 9.69 4.49 12.27
C THR A 164 10.45 5.47 13.16
N VAL A 165 9.69 6.31 13.86
CA VAL A 165 10.27 7.21 14.85
C VAL A 165 11.05 6.47 15.95
N PRO A 166 10.48 5.38 16.53
CA PRO A 166 11.27 4.66 17.53
C PRO A 166 12.60 4.14 16.99
N TYR A 167 12.60 3.72 15.72
CA TYR A 167 13.83 3.24 15.09
C TYR A 167 14.80 4.38 14.81
N PHE A 168 14.26 5.53 14.44
CA PHE A 168 15.07 6.72 14.23
C PHE A 168 15.75 7.14 15.52
N VAL A 169 15.02 7.05 16.63
CA VAL A 169 15.53 7.43 17.93
C VAL A 169 16.61 6.47 18.43
N PHE A 170 16.31 5.18 18.36
CA PHE A 170 17.20 4.17 18.93
C PHE A 170 18.27 3.70 17.95
N ARG A 171 18.60 4.53 16.97
CA ARG A 171 19.75 4.29 16.12
C ARG A 171 20.91 5.17 16.57
N ASP A 172 22.10 4.59 16.61
CA ASP A 172 23.28 5.31 17.10
C ASP A 172 24.55 4.75 16.49
N THR A 173 25.62 5.55 16.52
CA THR A 173 26.93 5.08 16.07
C THR A 173 27.69 4.50 17.25
N ILE A 174 28.09 3.24 17.13
CA ILE A 174 28.85 2.57 18.18
C ILE A 174 30.23 2.19 17.70
N SER A 175 31.26 2.68 18.38
CA SER A 175 32.63 2.39 18.01
C SER A 175 33.02 0.96 18.34
N ARG A 176 33.65 0.28 17.38
CA ARG A 176 34.21 -1.04 17.62
C ARG A 176 35.64 -0.93 18.12
N LEU A 177 36.22 -2.04 18.53
CA LEU A 177 37.60 -2.06 18.97
C LEU A 177 38.55 -2.10 17.77
N ASP A 178 38.00 -2.43 16.61
CA ASP A 178 38.79 -2.49 15.38
C ASP A 178 38.89 -1.12 14.72
N GLY A 179 38.28 -0.12 15.36
CA GLY A 179 38.23 1.22 14.80
C GLY A 179 36.97 1.41 13.97
N ARG A 180 36.25 0.31 13.73
CA ARG A 180 35.00 0.36 13.00
C ARG A 180 33.93 1.12 13.75
N ILE A 181 33.04 1.78 13.01
CA ILE A 181 31.90 2.45 13.60
C ILE A 181 30.62 1.73 13.21
N MET A 182 29.94 1.15 14.19
CA MET A 182 28.72 0.42 13.93
C MET A 182 27.50 1.35 13.84
N CYS A 183 26.55 0.97 13.00
CA CYS A 183 25.28 1.69 12.89
C CYS A 183 24.14 0.70 13.13
N TYR A 184 23.68 0.63 14.37
CA TYR A 184 22.70 -0.39 14.75
C TYR A 184 21.83 0.07 15.93
N TYR A 185 21.07 -0.86 16.50
CA TYR A 185 20.19 -0.57 17.63
C TYR A 185 20.96 -0.20 18.89
N ASN A 186 20.75 1.01 19.39
CA ASN A 186 21.21 1.38 20.72
C ASN A 186 20.02 1.57 21.63
N VAL A 187 19.50 0.46 22.16
CA VAL A 187 18.32 0.47 23.02
C VAL A 187 18.51 1.37 24.25
N LEU A 188 19.69 1.29 24.85
CA LEU A 188 19.96 2.02 26.09
C LEU A 188 20.33 3.48 25.85
N LEU A 189 20.15 3.96 24.63
CA LEU A 189 20.53 5.34 24.29
C LEU A 189 19.66 6.36 25.00
N LEU A 190 18.39 6.02 25.19
CA LEU A 190 17.44 6.96 25.78
C LEU A 190 16.66 6.33 26.93
N ASN A 191 16.65 7.02 28.07
CA ASN A 191 15.93 6.57 29.27
C ASN A 191 16.23 5.13 29.68
N PRO A 192 17.44 4.87 30.17
CA PRO A 192 17.74 3.52 30.69
C PRO A 192 17.18 3.33 32.09
N GLY A 193 16.41 2.26 32.29
CA GLY A 193 15.81 1.99 33.59
C GLY A 193 16.82 1.53 34.61
N PRO A 194 16.38 1.36 35.87
CA PRO A 194 17.22 0.88 36.96
C PRO A 194 17.84 -0.49 36.65
N ASP A 195 17.09 -1.32 35.92
CA ASP A 195 17.58 -2.61 35.47
C ASP A 195 17.91 -2.53 33.99
N ARG A 196 19.20 -2.42 33.68
CA ARG A 196 19.64 -2.30 32.30
C ARG A 196 19.34 -3.55 31.48
N ASP A 197 19.61 -4.71 32.07
CA ASP A 197 19.40 -5.98 31.37
C ASP A 197 17.94 -6.23 31.05
N ALA A 198 17.05 -5.68 31.87
CA ALA A 198 15.61 -5.82 31.66
C ALA A 198 15.12 -4.87 30.58
N THR A 199 15.52 -3.61 30.67
CA THR A 199 15.09 -2.60 29.70
C THR A 199 15.79 -2.79 28.37
N CYS A 200 16.86 -3.58 28.36
CA CYS A 200 17.57 -3.90 27.13
C CYS A 200 16.84 -5.03 26.40
N ASN A 201 16.29 -5.95 27.17
CA ASN A 201 15.57 -7.10 26.61
C ASN A 201 14.15 -6.74 26.18
N SER A 202 13.43 -6.02 27.04
CA SER A 202 12.03 -5.69 26.78
C SER A 202 11.88 -4.81 25.54
N ARG A 203 12.69 -3.76 25.45
CA ARG A 203 12.61 -2.82 24.33
C ARG A 203 12.98 -3.49 23.01
N GLN A 204 13.94 -4.39 23.04
CA GLN A 204 14.36 -5.09 21.83
C GLN A 204 13.27 -6.08 21.38
N ALA A 205 12.63 -6.72 22.36
CA ALA A 205 11.53 -7.63 22.07
C ALA A 205 10.32 -6.85 21.58
N ALA A 206 10.06 -5.70 22.22
CA ALA A 206 8.94 -4.86 21.85
C ALA A 206 9.09 -4.31 20.43
N LEU A 207 10.33 -4.11 20.01
CA LEU A 207 10.61 -3.63 18.66
C LEU A 207 10.42 -4.75 17.63
N ALA A 208 11.07 -5.89 17.87
CA ALA A 208 11.02 -7.00 16.93
C ALA A 208 9.61 -7.57 16.78
N VAL A 209 8.88 -7.66 17.88
CA VAL A 209 7.54 -8.23 17.86
C VAL A 209 6.53 -7.31 17.17
N SER A 210 6.45 -6.06 17.62
CA SER A 210 5.52 -5.09 17.04
C SER A 210 5.81 -4.88 15.55
N LYS A 211 7.08 -4.94 15.18
CA LYS A 211 7.48 -4.86 13.78
C LYS A 211 6.95 -6.05 13.00
N PHE A 212 7.09 -7.24 13.59
CA PHE A 212 6.65 -8.48 12.97
C PHE A 212 5.14 -8.49 12.76
N LEU A 213 4.41 -7.90 13.70
CA LEU A 213 2.96 -7.86 13.62
C LEU A 213 2.49 -6.79 12.63
N LEU A 214 2.82 -5.53 12.91
CA LEU A 214 2.30 -4.41 12.14
C LEU A 214 2.73 -4.41 10.68
N ALA A 215 3.86 -5.04 10.38
CA ALA A 215 4.45 -4.94 9.04
C ALA A 215 4.59 -6.28 8.34
N PHE A 216 4.00 -7.34 8.88
CA PHE A 216 4.11 -8.65 8.27
C PHE A 216 2.93 -9.58 8.59
N LEU A 217 2.80 -9.96 9.86
CA LEU A 217 1.79 -10.94 10.25
C LEU A 217 0.38 -10.40 10.05
N VAL A 218 0.11 -9.19 10.55
CA VAL A 218 -1.20 -8.56 10.38
C VAL A 218 -1.53 -8.30 8.91
N PRO A 219 -0.58 -7.75 8.12
CA PRO A 219 -0.88 -7.63 6.69
C PRO A 219 -1.21 -8.98 6.04
N LEU A 220 -0.34 -9.96 6.19
CA LEU A 220 -0.57 -11.28 5.61
C LEU A 220 -1.87 -11.90 6.11
N ALA A 221 -2.25 -11.56 7.34
CA ALA A 221 -3.53 -11.99 7.90
C ALA A 221 -4.67 -11.35 7.12
N ILE A 222 -4.60 -10.03 6.97
CA ILE A 222 -5.59 -9.28 6.21
C ILE A 222 -5.66 -9.76 4.77
N ILE A 223 -4.51 -9.93 4.15
CA ILE A 223 -4.41 -10.40 2.77
C ILE A 223 -5.10 -11.75 2.59
N ALA A 224 -4.76 -12.69 3.46
CA ALA A 224 -5.32 -14.05 3.37
C ALA A 224 -6.80 -14.06 3.74
N SER A 225 -7.20 -13.17 4.63
CA SER A 225 -8.59 -13.13 5.08
C SER A 225 -9.49 -12.44 4.04
N SER A 226 -8.98 -11.38 3.43
CA SER A 226 -9.72 -10.69 2.38
C SER A 226 -9.80 -11.53 1.13
N HIS A 227 -8.75 -12.32 0.88
CA HIS A 227 -8.71 -13.22 -0.27
C HIS A 227 -9.80 -14.28 -0.18
N ALA A 228 -10.11 -14.70 1.03
CA ALA A 228 -11.13 -15.71 1.25
C ALA A 228 -12.54 -15.12 1.18
N ALA A 229 -12.64 -13.82 1.46
CA ALA A 229 -13.92 -13.14 1.44
C ALA A 229 -14.44 -13.02 0.01
N VAL A 230 -13.60 -12.54 -0.89
CA VAL A 230 -14.02 -12.34 -2.28
C VAL A 230 -14.20 -13.66 -3.01
N SER A 231 -13.54 -14.71 -2.54
CA SER A 231 -13.63 -16.02 -3.18
C SER A 231 -15.00 -16.65 -2.93
N LEU A 232 -15.49 -16.51 -1.71
CA LEU A 232 -16.82 -17.02 -1.36
C LEU A 232 -17.90 -16.14 -1.97
N ARG A 233 -17.63 -14.84 -2.02
CA ARG A 233 -18.57 -13.87 -2.57
C ARG A 233 -18.81 -14.09 -4.06
N LEU A 234 -17.73 -14.24 -4.82
CA LEU A 234 -17.81 -14.47 -6.25
C LEU A 234 -18.50 -15.80 -6.55
N GLN A 235 -18.37 -16.75 -5.63
CA GLN A 235 -19.02 -18.04 -5.78
C GLN A 235 -20.53 -17.92 -5.62
N HIS A 236 -20.95 -17.14 -4.62
CA HIS A 236 -22.35 -16.91 -4.36
C HIS A 236 -22.96 -15.98 -5.41
N ARG A 237 -22.14 -15.07 -5.93
CA ARG A 237 -22.60 -14.12 -6.94
C ARG A 237 -22.82 -14.81 -8.27
N ALA A 238 -21.91 -15.71 -8.64
CA ALA A 238 -22.04 -16.45 -9.88
C ALA A 238 -23.24 -17.39 -9.84
N ASP A 239 -23.59 -17.84 -8.63
CA ASP A 239 -24.77 -18.66 -8.43
C ASP A 239 -26.05 -17.85 -8.69
N LEU A 240 -26.02 -16.58 -8.30
CA LEU A 240 -27.14 -15.68 -8.52
C LEU A 240 -27.24 -15.31 -10.00
N GLY A 241 -26.10 -15.22 -10.66
CA GLY A 241 -26.06 -14.89 -12.07
C GLY A 241 -26.65 -15.97 -12.94
N LEU A 242 -26.57 -17.21 -12.48
CA LEU A 242 -27.10 -18.35 -13.22
C LEU A 242 -28.62 -18.41 -13.13
N GLN A 243 -29.19 -17.63 -12.22
CA GLN A 243 -30.64 -17.55 -12.07
C GLN A 243 -31.23 -16.63 -13.13
N HIS A 244 -32.26 -17.13 -13.81
CA HIS A 244 -32.88 -16.41 -14.92
C HIS A 244 -33.61 -15.14 -14.48
N ARG A 245 -34.16 -15.17 -13.27
CA ARG A 245 -34.98 -14.06 -12.77
C ARG A 245 -34.15 -12.82 -12.46
N ASN A 246 -32.86 -13.00 -12.19
CA ASN A 246 -31.99 -11.90 -11.85
C ASN A 246 -31.21 -11.35 -13.05
N ILE A 247 -31.90 -11.23 -14.17
CA ILE A 247 -31.26 -10.76 -15.40
C ILE A 247 -31.13 -9.25 -15.45
N PHE A 248 -32.18 -8.55 -15.04
CA PHE A 248 -32.20 -7.08 -15.11
C PHE A 248 -32.16 -6.40 -13.76
N GLU A 249 -31.98 -7.19 -12.69
CA GLU A 249 -31.96 -6.63 -11.34
C GLU A 249 -30.68 -5.82 -11.11
N MET A 250 -30.75 -4.86 -10.19
CA MET A 250 -29.63 -3.94 -9.97
C MET A 250 -29.49 -3.51 -8.51
N LEU A 251 -28.26 -3.20 -8.12
CA LEU A 251 -27.93 -2.73 -6.77
C LEU A 251 -28.37 -3.69 -5.68
N ARG A 252 -27.81 -4.91 -5.69
CA ARG A 252 -28.12 -5.89 -4.65
C ARG A 252 -27.35 -5.59 -3.37
N ILE A 253 -27.91 -6.01 -2.24
CA ILE A 253 -27.26 -5.83 -0.95
C ILE A 253 -27.22 -7.13 -0.17
N ASP A 254 -28.22 -7.98 -0.39
CA ASP A 254 -28.38 -9.21 0.38
C ASP A 254 -27.50 -10.35 -0.12
N GLU A 255 -26.43 -10.01 -0.83
CA GLU A 255 -25.46 -11.02 -1.27
C GLU A 255 -24.70 -11.58 -0.08
N GLY A 256 -24.49 -10.74 0.93
CA GLY A 256 -23.76 -11.14 2.12
C GLY A 256 -24.63 -11.90 3.10
N GLY A 257 -25.89 -12.12 2.73
CA GLY A 257 -26.82 -12.85 3.57
C GLY A 257 -27.29 -12.02 4.76
N GLY A 258 -27.93 -12.68 5.70
CA GLY A 258 -28.44 -12.02 6.89
C GLY A 258 -29.78 -11.35 6.66
N SER A 259 -29.88 -10.07 7.03
CA SER A 259 -31.11 -9.32 6.87
C SER A 259 -30.84 -7.86 6.52
N GLY A 260 -31.89 -7.14 6.18
CA GLY A 260 -31.77 -5.72 5.85
C GLY A 260 -32.28 -4.84 6.98
N GLY A 261 -32.23 -5.36 8.20
CA GLY A 261 -32.69 -4.62 9.36
C GLY A 261 -31.68 -3.61 9.87
N ASP A 262 -30.41 -3.82 9.53
CA ASP A 262 -29.35 -2.93 9.97
C ASP A 262 -28.56 -2.37 8.79
N GLU A 263 -29.27 -1.95 7.74
CA GLU A 263 -28.64 -1.40 6.56
C GLU A 263 -28.19 0.04 6.78
N ALA A 264 -28.85 0.73 7.69
CA ALA A 264 -28.53 2.13 7.98
C ALA A 264 -27.43 2.24 9.03
N GLU A 265 -26.85 1.09 9.40
CA GLU A 265 -25.81 1.06 10.42
C GLU A 265 -24.56 0.35 9.94
N LYS A 266 -24.67 -0.34 8.81
CA LYS A 266 -23.52 -1.03 8.23
C LYS A 266 -22.45 -0.04 7.78
N LEU A 267 -21.21 -0.28 8.20
CA LEU A 267 -20.08 0.49 7.70
C LEU A 267 -19.96 0.27 6.21
N PHE A 268 -19.49 1.29 5.50
CA PHE A 268 -19.52 1.32 4.03
C PHE A 268 -20.97 1.11 3.59
N ASN A 269 -21.82 2.09 3.93
CA ASN A 269 -23.26 1.98 3.80
C ASN A 269 -23.76 1.77 2.36
N GLN A 270 -24.82 0.99 2.24
CA GLN A 270 -25.45 0.71 0.95
C GLN A 270 -26.96 0.83 1.04
N ASP A 271 -27.44 1.42 2.13
CA ASP A 271 -28.88 1.49 2.40
C ASP A 271 -29.62 2.29 1.34
N VAL A 272 -30.10 1.59 0.32
CA VAL A 272 -30.80 2.21 -0.80
C VAL A 272 -32.11 2.84 -0.35
N ASP A 273 -32.83 2.15 0.52
CA ASP A 273 -34.13 2.61 1.00
C ASP A 273 -34.04 3.95 1.71
N ALA A 274 -32.95 4.16 2.45
CA ALA A 274 -32.74 5.41 3.17
C ALA A 274 -32.61 6.59 2.21
N ALA A 275 -31.94 6.36 1.08
CA ALA A 275 -31.73 7.39 0.09
C ALA A 275 -33.04 7.74 -0.61
N VAL A 276 -33.87 6.72 -0.87
CA VAL A 276 -35.13 6.92 -1.56
C VAL A 276 -36.10 7.77 -0.75
N ARG A 277 -36.13 7.53 0.56
CA ARG A 277 -37.01 8.30 1.44
C ARG A 277 -36.63 9.77 1.45
N GLY A 278 -35.34 10.06 1.32
CA GLY A 278 -34.85 11.42 1.28
C GLY A 278 -35.17 12.09 -0.03
N ILE A 279 -35.21 11.30 -1.11
CA ILE A 279 -35.54 11.81 -2.43
C ILE A 279 -37.00 12.24 -2.51
N LEU A 280 -37.89 11.39 -1.97
CA LEU A 280 -39.32 11.69 -1.98
C LEU A 280 -39.67 12.82 -1.02
N ARG A 281 -38.73 13.13 -0.12
CA ARG A 281 -38.94 14.18 0.87
C ARG A 281 -38.59 15.56 0.32
N ASN A 282 -37.63 15.60 -0.60
CA ASN A 282 -37.22 16.86 -1.21
C ASN A 282 -38.18 17.29 -2.31
N ALA A 283 -38.44 18.59 -2.38
CA ALA A 283 -39.38 19.14 -3.35
C ALA A 283 -38.80 19.15 -4.76
N LYS A 284 -37.48 19.14 -4.86
CA LYS A 284 -36.81 19.20 -6.16
C LYS A 284 -36.46 17.81 -6.69
N LEU A 285 -36.67 16.79 -5.87
CA LEU A 285 -36.26 15.44 -6.24
C LEU A 285 -37.44 14.50 -6.46
N LYS A 286 -38.53 14.75 -5.75
CA LYS A 286 -39.73 13.92 -5.86
C LYS A 286 -40.34 13.90 -7.27
N PRO A 287 -40.55 15.07 -7.89
CA PRO A 287 -41.17 14.99 -9.22
C PRO A 287 -40.22 14.46 -10.29
N VAL A 288 -38.92 14.50 -10.01
CA VAL A 288 -37.92 14.01 -10.94
C VAL A 288 -37.78 12.49 -10.83
N TYR A 289 -37.89 11.99 -9.61
CA TYR A 289 -37.74 10.55 -9.36
C TYR A 289 -38.91 9.77 -9.93
N ASP A 290 -40.12 10.27 -9.73
CA ASP A 290 -41.33 9.58 -10.17
C ASP A 290 -41.48 9.56 -11.69
N SER A 291 -40.86 10.53 -12.36
CA SER A 291 -40.96 10.63 -13.81
C SER A 291 -39.96 9.72 -14.52
N LEU A 292 -39.04 9.15 -13.74
CA LEU A 292 -37.98 8.31 -14.29
C LEU A 292 -38.35 6.82 -14.23
N ASP A 293 -37.78 6.04 -15.14
CA ASP A 293 -37.98 4.60 -15.15
C ASP A 293 -37.05 3.95 -14.14
N ALA A 294 -37.26 2.66 -13.89
CA ALA A 294 -36.54 1.93 -12.85
C ALA A 294 -35.02 2.01 -12.99
N VAL A 295 -34.54 1.91 -14.23
CA VAL A 295 -33.11 1.97 -14.49
C VAL A 295 -32.54 3.34 -14.16
N ARG A 296 -33.26 4.38 -14.55
CA ARG A 296 -32.81 5.75 -14.30
C ARG A 296 -33.11 6.20 -12.87
N ARG A 297 -34.07 5.55 -12.23
CA ARG A 297 -34.36 5.85 -10.83
C ARG A 297 -33.23 5.39 -9.94
N ALA A 298 -32.63 4.26 -10.29
CA ALA A 298 -31.51 3.72 -9.54
C ALA A 298 -30.26 4.57 -9.73
N ALA A 299 -30.14 5.19 -10.89
CA ALA A 299 -29.00 6.06 -11.19
C ALA A 299 -29.09 7.36 -10.39
N LEU A 300 -30.31 7.73 -10.02
CA LEU A 300 -30.54 8.92 -9.20
C LEU A 300 -30.14 8.64 -7.76
N ILE A 301 -30.33 7.39 -7.33
CA ILE A 301 -29.97 6.97 -5.99
C ILE A 301 -28.46 6.97 -5.81
N ASN A 302 -27.73 6.68 -6.88
CA ASN A 302 -26.27 6.72 -6.84
C ASN A 302 -25.75 8.15 -6.66
N MET A 303 -26.41 9.11 -7.29
CA MET A 303 -26.00 10.51 -7.21
C MET A 303 -26.12 11.05 -5.79
N VAL A 304 -27.22 10.72 -5.11
CA VAL A 304 -27.40 11.17 -3.74
C VAL A 304 -26.51 10.36 -2.79
N PHE A 305 -26.02 9.23 -3.26
CA PHE A 305 -25.04 8.45 -2.52
C PHE A 305 -23.67 9.12 -2.58
N GLN A 306 -23.39 9.75 -3.73
CA GLN A 306 -22.08 10.32 -3.99
C GLN A 306 -21.90 11.74 -3.45
N MET A 307 -22.96 12.55 -3.51
CA MET A 307 -22.84 13.96 -3.14
C MET A 307 -23.97 14.44 -2.24
N GLY A 308 -24.82 13.52 -1.80
CA GLY A 308 -25.92 13.87 -0.93
C GLY A 308 -27.14 14.37 -1.69
N GLU A 309 -28.22 14.61 -0.95
CA GLU A 309 -29.48 15.06 -1.56
C GLU A 309 -29.50 16.56 -1.82
N THR A 310 -28.78 17.31 -0.99
CA THR A 310 -28.70 18.76 -1.16
C THR A 310 -27.77 19.11 -2.32
N GLY A 311 -26.89 18.18 -2.65
CA GLY A 311 -25.94 18.38 -3.75
C GLY A 311 -26.57 18.14 -5.10
N VAL A 312 -27.44 17.14 -5.18
CA VAL A 312 -28.11 16.81 -6.43
C VAL A 312 -29.26 17.77 -6.72
N ALA A 313 -29.75 18.43 -5.67
CA ALA A 313 -30.84 19.39 -5.82
C ALA A 313 -30.31 20.74 -6.28
N GLY A 314 -28.98 20.86 -6.35
CA GLY A 314 -28.35 22.07 -6.80
C GLY A 314 -28.34 22.17 -8.31
N PHE A 315 -28.55 21.03 -8.97
CA PHE A 315 -28.64 21.00 -10.43
C PHE A 315 -30.07 21.24 -10.87
N THR A 316 -30.47 22.51 -10.91
CA THR A 316 -31.84 22.89 -11.24
C THR A 316 -32.19 22.50 -12.68
N ASN A 317 -31.56 23.16 -13.65
CA ASN A 317 -31.84 22.90 -15.05
C ASN A 317 -31.08 21.67 -15.57
N SER A 318 -30.92 20.68 -14.70
CA SER A 318 -30.41 19.38 -15.10
C SER A 318 -31.47 18.34 -14.76
N LEU A 319 -32.12 18.54 -13.61
CA LEU A 319 -33.28 17.76 -13.23
C LEU A 319 -34.46 18.16 -14.11
N ARG A 320 -34.45 19.43 -14.52
CA ARG A 320 -35.44 19.96 -15.45
C ARG A 320 -35.36 19.21 -16.77
N MET A 321 -34.19 18.68 -17.07
CA MET A 321 -33.95 17.96 -18.31
C MET A 321 -34.32 16.49 -18.20
N LEU A 322 -34.03 15.90 -17.04
CA LEU A 322 -34.37 14.50 -16.78
C LEU A 322 -35.89 14.35 -16.68
N GLN A 323 -36.55 15.38 -16.18
CA GLN A 323 -37.99 15.38 -16.04
C GLN A 323 -38.66 15.46 -17.40
N GLN A 324 -38.02 16.15 -18.33
CA GLN A 324 -38.54 16.30 -19.69
C GLN A 324 -37.93 15.25 -20.63
N LYS A 325 -37.20 14.31 -20.04
CA LYS A 325 -36.62 13.19 -20.78
C LYS A 325 -35.63 13.62 -21.86
N ARG A 326 -35.05 14.81 -21.70
CA ARG A 326 -33.99 15.27 -22.59
C ARG A 326 -32.64 14.78 -22.07
N TRP A 327 -32.32 13.53 -22.39
CA TRP A 327 -31.14 12.87 -21.80
C TRP A 327 -29.82 13.48 -22.25
N ASP A 328 -29.63 13.57 -23.57
CA ASP A 328 -28.38 14.06 -24.14
C ASP A 328 -28.04 15.48 -23.69
N GLU A 329 -29.05 16.33 -23.65
CA GLU A 329 -28.86 17.73 -23.27
C GLU A 329 -28.61 17.83 -21.76
N ALA A 330 -29.06 16.81 -21.03
CA ALA A 330 -28.77 16.71 -19.61
C ALA A 330 -27.35 16.17 -19.40
N ALA A 331 -26.95 15.26 -20.29
CA ALA A 331 -25.62 14.68 -20.24
C ALA A 331 -24.56 15.74 -20.45
N VAL A 332 -24.85 16.68 -21.34
CA VAL A 332 -23.93 17.79 -21.63
C VAL A 332 -23.75 18.67 -20.40
N ASN A 333 -24.86 18.94 -19.71
CA ASN A 333 -24.83 19.81 -18.54
C ASN A 333 -24.16 19.16 -17.34
N LEU A 334 -24.39 17.85 -17.18
CA LEU A 334 -23.80 17.10 -16.07
C LEU A 334 -22.29 16.95 -16.20
N ALA A 335 -21.83 16.74 -17.43
CA ALA A 335 -20.41 16.50 -17.69
C ALA A 335 -19.61 17.79 -17.69
N LYS A 336 -20.28 18.91 -17.41
CA LYS A 336 -19.63 20.20 -17.37
C LYS A 336 -19.69 20.77 -15.96
N SER A 337 -19.61 19.89 -14.96
CA SER A 337 -19.73 20.30 -13.57
C SER A 337 -18.50 19.92 -12.76
N ARG A 338 -18.45 20.38 -11.51
CA ARG A 338 -17.36 20.06 -10.61
C ARG A 338 -17.42 18.60 -10.22
N TRP A 339 -18.64 18.07 -10.15
CA TRP A 339 -18.87 16.67 -9.77
C TRP A 339 -18.25 15.69 -10.75
N TYR A 340 -18.31 16.02 -12.03
CA TYR A 340 -17.76 15.15 -13.07
C TYR A 340 -16.27 15.42 -13.29
N ASN A 341 -15.86 16.67 -13.11
CA ASN A 341 -14.48 17.07 -13.34
C ASN A 341 -13.53 16.47 -12.31
N GLN A 342 -14.03 16.23 -11.11
CA GLN A 342 -13.20 15.70 -10.02
C GLN A 342 -13.25 14.18 -9.95
N THR A 343 -14.44 13.61 -10.09
CA THR A 343 -14.61 12.16 -10.06
C THR A 343 -15.35 11.68 -11.31
N PRO A 344 -14.64 11.61 -12.45
CA PRO A 344 -15.26 11.31 -13.75
C PRO A 344 -15.79 9.88 -13.87
N ASN A 345 -15.12 8.92 -13.25
CA ASN A 345 -15.48 7.51 -13.42
C ASN A 345 -16.79 7.12 -12.74
N ARG A 346 -17.04 7.67 -11.56
CA ARG A 346 -18.29 7.39 -10.85
C ARG A 346 -19.42 8.27 -11.40
N ALA A 347 -19.04 9.32 -12.11
CA ALA A 347 -20.00 10.24 -12.68
C ALA A 347 -20.45 9.80 -14.07
N LYS A 348 -19.48 9.41 -14.90
CA LYS A 348 -19.77 8.98 -16.27
C LYS A 348 -20.66 7.75 -16.28
N ARG A 349 -20.50 6.89 -15.28
CA ARG A 349 -21.30 5.68 -15.17
C ARG A 349 -22.76 6.04 -14.88
N VAL A 350 -22.96 7.14 -14.17
CA VAL A 350 -24.31 7.62 -13.87
C VAL A 350 -24.93 8.32 -15.08
N ILE A 351 -24.15 9.19 -15.71
CA ILE A 351 -24.64 9.98 -16.84
C ILE A 351 -25.09 9.12 -18.01
N THR A 352 -24.30 8.10 -18.34
CA THR A 352 -24.62 7.21 -19.45
C THR A 352 -25.90 6.42 -19.19
N THR A 353 -26.20 6.19 -17.91
CA THR A 353 -27.44 5.51 -17.54
C THR A 353 -28.65 6.40 -17.85
N PHE A 354 -28.52 7.69 -17.59
CA PHE A 354 -29.54 8.66 -17.94
C PHE A 354 -29.69 8.74 -19.45
N ARG A 355 -28.57 8.57 -20.16
CA ARG A 355 -28.53 8.64 -21.61
C ARG A 355 -29.22 7.45 -22.27
N THR A 356 -28.72 6.26 -21.96
CA THR A 356 -29.16 5.05 -22.64
C THR A 356 -30.38 4.40 -22.00
N GLY A 357 -30.55 4.60 -20.70
CA GLY A 357 -31.60 3.93 -19.97
C GLY A 357 -31.26 2.47 -19.75
N THR A 358 -30.00 2.14 -19.97
CA THR A 358 -29.50 0.78 -19.79
C THR A 358 -28.55 0.73 -18.60
N TRP A 359 -28.74 -0.26 -17.73
CA TRP A 359 -27.92 -0.38 -16.53
C TRP A 359 -26.61 -1.09 -16.81
N ASP A 360 -25.50 -0.44 -16.45
CA ASP A 360 -24.18 -1.04 -16.55
C ASP A 360 -23.74 -1.55 -15.17
N ALA A 361 -23.75 -2.87 -15.01
CA ALA A 361 -23.45 -3.48 -13.72
C ALA A 361 -21.99 -3.28 -13.31
N TYR A 362 -21.80 -2.88 -12.05
CA TYR A 362 -20.46 -2.64 -11.51
C TYR A 362 -19.81 -3.94 -11.04
N ARG A 363 -20.63 -4.81 -10.44
CA ARG A 363 -20.14 -6.10 -9.94
C ARG A 363 -19.98 -7.11 -11.08
N ARG A 364 -20.20 -6.63 -12.31
CA ARG A 364 -19.98 -7.42 -13.51
C ARG A 364 -18.51 -7.34 -13.92
N ARG A 365 -17.94 -6.15 -13.80
CA ARG A 365 -16.55 -5.91 -14.15
C ARG A 365 -15.60 -6.70 -13.26
N PRO A 366 -14.78 -7.56 -13.86
CA PRO A 366 -13.77 -8.33 -13.12
C PRO A 366 -12.70 -7.42 -12.53
N GLY A 367 -12.01 -7.91 -11.50
CA GLY A 367 -10.95 -7.14 -10.86
C GLY A 367 -9.70 -7.07 -11.71
N ARG A 368 -8.95 -5.99 -11.56
CA ARG A 368 -7.73 -5.80 -12.33
C ARG A 368 -6.49 -5.90 -11.42
N PHE A 369 -5.33 -6.10 -12.05
CA PHE A 369 -4.05 -6.19 -11.36
C PHE A 369 -4.03 -7.32 -10.32
N VAL A 370 -4.89 -8.32 -10.52
CA VAL A 370 -4.96 -9.46 -9.61
C VAL A 370 -3.69 -10.29 -9.71
N ARG A 371 -3.23 -10.51 -10.94
CA ARG A 371 -1.97 -11.20 -11.17
C ARG A 371 -0.81 -10.44 -10.55
N LEU A 372 -0.91 -9.11 -10.58
CA LEU A 372 0.14 -8.26 -10.04
C LEU A 372 0.26 -8.40 -8.53
N VAL A 373 -0.84 -8.13 -7.83
CA VAL A 373 -0.86 -8.14 -6.38
C VAL A 373 -0.44 -9.50 -5.82
N ALA A 374 -0.95 -10.57 -6.42
CA ALA A 374 -0.61 -11.92 -5.98
C ALA A 374 0.89 -12.17 -6.08
N ALA A 375 1.53 -11.58 -7.08
CA ALA A 375 2.96 -11.70 -7.26
C ALA A 375 3.72 -10.85 -6.26
N VAL A 376 3.27 -9.62 -6.07
CA VAL A 376 3.88 -8.70 -5.11
C VAL A 376 3.78 -9.24 -3.69
N VAL A 377 2.62 -9.81 -3.37
CA VAL A 377 2.39 -10.42 -2.07
C VAL A 377 3.34 -11.61 -1.87
N ALA A 378 3.49 -12.42 -2.91
CA ALA A 378 4.37 -13.58 -2.86
C ALA A 378 5.81 -13.18 -2.59
N ALA A 379 6.25 -12.10 -3.22
CA ALA A 379 7.61 -11.60 -3.03
C ALA A 379 7.78 -11.00 -1.64
N PHE A 380 6.77 -10.26 -1.20
CA PHE A 380 6.77 -9.62 0.11
C PHE A 380 6.92 -10.64 1.23
N ALA A 381 6.31 -11.79 1.06
CA ALA A 381 6.33 -12.84 2.08
C ALA A 381 7.63 -13.63 2.05
N LEU A 382 8.31 -13.62 0.90
CA LEU A 382 9.54 -14.38 0.74
C LEU A 382 10.78 -13.56 1.07
N CYS A 383 10.67 -12.24 0.96
CA CYS A 383 11.81 -11.36 1.18
C CYS A 383 11.82 -10.80 2.61
N TRP A 384 10.65 -10.51 3.14
CA TRP A 384 10.53 -10.01 4.51
C TRP A 384 10.28 -11.14 5.48
N GLY A 385 10.05 -12.34 4.95
CA GLY A 385 9.81 -13.52 5.76
C GLY A 385 10.99 -13.87 6.64
N PRO A 386 12.11 -14.31 6.03
CA PRO A 386 13.32 -14.67 6.77
C PRO A 386 13.84 -13.55 7.67
N TYR A 387 13.65 -12.30 7.26
CA TYR A 387 14.11 -11.16 8.04
C TYR A 387 13.49 -11.13 9.42
N HIS A 388 12.16 -11.12 9.47
CA HIS A 388 11.43 -11.04 10.74
C HIS A 388 11.69 -12.26 11.61
N VAL A 389 12.01 -13.39 10.99
CA VAL A 389 12.35 -14.59 11.73
C VAL A 389 13.62 -14.37 12.54
N PHE A 390 14.69 -13.95 11.86
CA PHE A 390 15.97 -13.72 12.51
C PHE A 390 15.92 -12.53 13.47
N SER A 391 15.18 -11.49 13.09
CA SER A 391 15.08 -10.29 13.92
C SER A 391 14.37 -10.58 15.24
N LEU A 392 13.45 -11.55 15.21
CA LEU A 392 12.77 -12.00 16.42
C LEU A 392 13.70 -12.88 17.24
N LEU A 393 14.67 -13.50 16.56
CA LEU A 393 15.62 -14.38 17.23
C LEU A 393 16.71 -13.57 17.94
N GLU A 394 17.05 -12.41 17.40
CA GLU A 394 18.07 -11.57 18.02
C GLU A 394 17.51 -10.87 19.25
N ALA A 395 16.19 -10.73 19.30
CA ALA A 395 15.52 -10.23 20.49
C ALA A 395 15.42 -11.36 21.50
N ARG A 396 15.44 -12.59 20.98
CA ARG A 396 15.43 -13.80 21.80
C ARG A 396 16.85 -14.12 22.26
N ALA A 397 17.83 -13.61 21.53
CA ALA A 397 19.23 -13.90 21.79
C ALA A 397 19.78 -13.16 22.99
N HIS A 398 19.02 -12.20 23.51
CA HIS A 398 19.42 -11.49 24.71
C HIS A 398 19.46 -12.43 25.90
N ALA A 399 18.49 -13.34 25.95
CA ALA A 399 18.42 -14.32 27.03
C ALA A 399 19.28 -15.54 26.70
N ASN A 400 19.28 -15.92 25.43
CA ASN A 400 20.09 -17.05 24.97
C ASN A 400 21.31 -16.60 24.18
N PRO A 401 22.49 -16.61 24.82
CA PRO A 401 23.73 -16.19 24.17
C PRO A 401 24.12 -17.11 23.03
N GLY A 402 23.59 -18.34 23.04
CA GLY A 402 23.92 -19.32 22.03
C GLY A 402 23.35 -19.01 20.66
N LEU A 403 22.32 -18.17 20.63
CA LEU A 403 21.66 -17.81 19.37
C LEU A 403 22.39 -16.67 18.66
N ARG A 404 23.18 -15.92 19.40
CA ARG A 404 23.88 -14.75 18.87
C ARG A 404 24.83 -15.07 17.71
N PRO A 405 25.60 -16.17 17.79
CA PRO A 405 26.41 -16.48 16.60
C PRO A 405 25.56 -16.92 15.41
N LEU A 406 24.42 -17.54 15.67
CA LEU A 406 23.53 -18.02 14.62
C LEU A 406 22.89 -16.86 13.86
N VAL A 407 22.60 -15.79 14.59
CA VAL A 407 21.96 -14.61 14.01
C VAL A 407 22.81 -13.98 12.92
N TRP A 408 24.07 -13.70 13.22
CA TRP A 408 24.94 -12.99 12.28
C TRP A 408 25.48 -13.88 11.17
N ARG A 409 24.96 -15.09 11.07
CA ARG A 409 25.28 -15.97 9.97
C ARG A 409 24.18 -15.90 8.91
N GLY A 410 23.08 -15.25 9.26
CA GLY A 410 21.94 -15.14 8.37
C GLY A 410 21.36 -13.74 8.28
N LEU A 411 21.40 -13.01 9.38
CA LEU A 411 20.83 -11.66 9.44
C LEU A 411 21.38 -10.69 8.37
N PRO A 412 22.70 -10.69 8.13
CA PRO A 412 23.17 -9.82 7.05
C PRO A 412 22.65 -10.24 5.68
N PHE A 413 22.34 -11.52 5.53
CA PHE A 413 21.83 -12.05 4.27
C PHE A 413 20.35 -11.74 4.08
N VAL A 414 19.55 -12.05 5.10
CA VAL A 414 18.10 -11.88 5.01
C VAL A 414 17.69 -10.41 5.05
N THR A 415 18.57 -9.54 5.52
CA THR A 415 18.33 -8.11 5.49
C THR A 415 18.50 -7.59 4.07
N SER A 416 19.56 -8.05 3.41
CA SER A 416 19.80 -7.69 2.01
C SER A 416 18.76 -8.35 1.11
N LEU A 417 18.17 -9.43 1.59
CA LEU A 417 17.09 -10.11 0.88
C LEU A 417 15.86 -9.21 0.83
N ALA A 418 15.61 -8.50 1.91
CA ALA A 418 14.50 -7.55 1.98
C ALA A 418 14.81 -6.32 1.14
N PHE A 419 16.09 -6.00 1.02
CA PHE A 419 16.54 -4.90 0.19
C PHE A 419 16.26 -5.16 -1.28
N PHE A 420 16.39 -6.42 -1.69
CA PHE A 420 16.25 -6.80 -3.09
C PHE A 420 14.78 -6.92 -3.48
N ASN A 421 13.89 -6.77 -2.51
CA ASN A 421 12.46 -6.76 -2.78
C ASN A 421 12.06 -5.50 -3.55
N SER A 422 12.86 -4.45 -3.40
CA SER A 422 12.64 -3.20 -4.11
C SER A 422 13.11 -3.31 -5.56
N VAL A 423 13.93 -4.31 -5.83
CA VAL A 423 14.43 -4.56 -7.18
C VAL A 423 13.53 -5.57 -7.88
N ALA A 424 12.92 -6.46 -7.11
CA ALA A 424 12.07 -7.51 -7.66
C ALA A 424 10.73 -6.97 -8.14
N ASN A 425 10.14 -6.08 -7.37
CA ASN A 425 8.79 -5.58 -7.65
C ASN A 425 8.59 -4.95 -9.03
N PRO A 426 9.47 -3.99 -9.44
CA PRO A 426 9.24 -3.40 -10.77
C PRO A 426 9.31 -4.42 -11.91
N VAL A 427 10.10 -5.47 -11.70
CA VAL A 427 10.16 -6.57 -12.67
C VAL A 427 8.86 -7.37 -12.62
N LEU A 428 8.38 -7.61 -11.40
CA LEU A 428 7.13 -8.33 -11.19
C LEU A 428 5.93 -7.56 -11.73
N TYR A 429 6.04 -6.23 -11.72
CA TYR A 429 4.98 -5.36 -12.25
C TYR A 429 4.75 -5.67 -13.73
N VAL A 430 5.85 -5.74 -14.47
CA VAL A 430 5.81 -5.97 -15.90
C VAL A 430 5.39 -7.39 -16.27
N LEU A 431 5.94 -8.37 -15.56
CA LEU A 431 5.69 -9.78 -15.87
C LEU A 431 4.26 -10.23 -15.62
N THR A 432 3.52 -9.46 -14.82
CA THR A 432 2.15 -9.82 -14.47
C THR A 432 1.14 -8.81 -14.99
N YCM A 433 1.63 -7.68 -15.50
CA YCM A 433 0.74 -6.68 -16.05
CB YCM A 433 0.60 -5.45 -15.16
SG YCM A 433 -0.68 -4.32 -15.58
CD YCM A 433 -2.18 -5.23 -15.37
CE YCM A 433 -2.70 -5.84 -16.66
OZ1 YCM A 433 -2.33 -5.42 -17.78
NZ2 YCM A 433 -3.58 -6.88 -16.55
C YCM A 433 1.10 -6.26 -17.47
O YCM A 433 1.91 -5.37 -17.69
N PRO A 434 0.47 -6.92 -18.45
CA PRO A 434 0.74 -6.69 -19.87
C PRO A 434 0.51 -5.24 -20.31
N ASP A 435 -0.47 -4.56 -19.73
CA ASP A 435 -0.68 -3.15 -20.04
C ASP A 435 0.51 -2.32 -19.63
N MET A 436 1.04 -2.60 -18.44
CA MET A 436 2.19 -1.87 -17.91
C MET A 436 3.43 -2.10 -18.75
N LEU A 437 3.65 -3.34 -19.18
CA LEU A 437 4.76 -3.67 -20.07
C LEU A 437 4.55 -3.02 -21.44
N ARG A 438 3.31 -3.08 -21.93
CA ARG A 438 2.97 -2.51 -23.23
C ARG A 438 3.20 -1.00 -23.23
N LYS A 439 2.81 -0.35 -22.14
CA LYS A 439 2.95 1.10 -22.03
C LYS A 439 4.41 1.51 -21.88
N LEU A 440 5.22 0.58 -21.38
CA LEU A 440 6.65 0.83 -21.20
C LEU A 440 7.40 0.78 -22.53
N ARG A 441 7.09 -0.23 -23.34
CA ARG A 441 7.74 -0.39 -24.64
C ARG A 441 7.32 0.70 -25.61
N ARG A 442 6.18 1.34 -25.32
CA ARG A 442 5.73 2.50 -26.08
C ARG A 442 6.72 3.65 -25.94
N SER A 443 6.91 4.09 -24.70
CA SER A 443 7.80 5.20 -24.40
C SER A 443 9.26 4.84 -24.67
N LEU A 444 9.58 3.55 -24.55
CA LEU A 444 10.92 3.07 -24.87
C LEU A 444 11.19 3.25 -26.36
N ARG A 445 10.16 3.05 -27.18
CA ARG A 445 10.27 3.21 -28.61
C ARG A 445 10.19 4.69 -29.00
N THR A 446 9.48 5.47 -28.19
CA THR A 446 9.32 6.89 -28.44
C THR A 446 10.64 7.65 -28.26
N VAL A 447 11.33 7.34 -27.16
CA VAL A 447 12.60 7.99 -26.86
C VAL A 447 13.69 7.55 -27.83
N LEU A 448 13.69 6.27 -28.20
CA LEU A 448 14.66 5.74 -29.15
C LEU A 448 14.47 6.35 -30.54
N GLU A 449 13.27 6.83 -30.82
CA GLU A 449 12.97 7.46 -32.11
C GLU A 449 13.37 8.94 -32.11
N SER A 450 14.08 9.37 -31.07
CA SER A 450 14.59 10.74 -31.01
C SER A 450 15.95 10.83 -31.68
N VAL A 451 16.30 9.80 -32.43
CA VAL A 451 17.54 9.79 -33.20
C VAL A 451 17.26 10.26 -34.63
N LEU A 452 16.07 9.91 -35.13
CA LEU A 452 15.66 10.28 -36.47
C LEU A 452 15.22 11.73 -36.54
O01 FSY B . 16.70 -4.62 12.34
C02 FSY B . 17.65 -4.19 11.60
O03 FSY B . 18.10 -3.07 11.77
C04 FSY B . 18.24 -5.10 10.51
C05 FSY B . 19.29 -4.41 9.56
C06 FSY B . 20.54 -4.93 9.15
C07 FSY B . 21.13 -6.30 9.56
N08 FSY B . 21.12 -4.09 8.36
C09 FSY B . 20.35 -2.99 8.19
C10 FSY B . 19.18 -3.14 8.92
C11 FSY B . 18.23 -2.09 8.88
C12 FSY B . 18.53 -0.95 8.10
C13 FSY B . 19.71 -0.90 7.40
N14 FSY B . 20.59 -1.90 7.46
C15 FSY B . 22.38 -4.27 7.75
C16 FSY B . 23.54 -4.06 8.81
C17 FSY B . 23.42 -2.98 9.69
C18 FSY B . 24.41 -2.74 10.64
C19 FSY B . 25.51 -3.57 10.72
C20 FSY B . 25.63 -4.64 9.85
C21 FSY B . 24.64 -4.89 8.88
C22 FSY B . 24.88 -6.11 7.97
S26 FSY B . 26.79 -3.25 11.96
O27 FSY B . 26.92 -1.71 12.18
O28 FSY B . 28.11 -3.80 11.47
C29 FSY B . 26.34 -4.07 13.50
F23 FSY B . 24.53 -7.17 8.59
F24 FSY B . 26.18 -6.17 7.68
F25 FSY B . 24.16 -6.03 6.73
S SO4 C . -24.64 -3.25 -9.55
O1 SO4 C . -24.27 -3.60 -8.18
O2 SO4 C . -23.67 -3.84 -10.47
O3 SO4 C . -25.98 -3.76 -9.85
O4 SO4 C . -24.63 -1.80 -9.70
S SO4 D . -27.00 23.24 -13.22
O1 SO4 D . -25.75 23.10 -12.46
O2 SO4 D . -28.06 23.71 -12.34
O3 SO4 D . -26.80 24.21 -14.30
O4 SO4 D . -27.37 21.94 -13.79
S SO4 E . -5.52 -8.68 -14.13
O1 SO4 E . -4.33 -9.46 -13.83
O2 SO4 E . -5.20 -7.26 -14.16
O3 SO4 E . -6.54 -8.93 -13.11
O4 SO4 E . -6.04 -9.08 -15.44
S SO4 F . -4.01 2.21 -19.40
O1 SO4 F . -3.32 0.93 -19.55
O2 SO4 F . -4.45 2.36 -18.01
O3 SO4 F . -5.18 2.24 -20.27
O4 SO4 F . -3.11 3.30 -19.75
S SO4 G . -9.96 -0.12 -10.82
O1 SO4 G . -9.56 1.23 -10.42
O2 SO4 G . -10.28 -0.91 -9.64
O3 SO4 G . -11.13 -0.04 -11.69
O4 SO4 G . -8.86 -0.76 -11.55
S SO4 H . -12.68 8.52 -10.25
O1 SO4 H . -12.47 7.17 -9.74
O2 SO4 H . -12.03 9.49 -9.38
O3 SO4 H . -14.11 8.79 -10.30
O4 SO4 H . -12.11 8.62 -11.60
S SO4 I . -23.09 -8.22 4.80
O1 SO4 I . -22.01 -8.61 3.91
O2 SO4 I . -22.54 -7.66 6.03
O3 SO4 I . -23.93 -7.23 4.13
O4 SO4 I . -23.91 -9.39 5.12
S SO4 J . -34.78 7.59 7.07
O1 SO4 J . -33.99 6.70 6.21
O2 SO4 J . -33.88 8.52 7.74
O3 SO4 J . -35.49 6.80 8.06
O4 SO4 J . -35.74 8.33 6.25
S SO4 K . -44.53 4.91 -8.33
O1 SO4 K . -43.35 4.19 -7.84
O2 SO4 K . -44.37 6.34 -8.06
O3 SO4 K . -45.72 4.41 -7.64
O4 SO4 K . -44.67 4.69 -9.76
C1 SIN L . -2.32 -1.80 9.03
O1 SIN L . -1.61 -1.37 9.97
O2 SIN L . -2.48 -3.03 8.90
C2 SIN L . -2.96 -0.83 8.06
C3 SIN L . -4.17 -1.50 7.39
C4 SIN L . -4.91 -0.47 6.59
O3 SIN L . -4.37 0.62 6.29
O4 SIN L . -6.09 -0.69 6.20
C1 SIN M . -5.09 -6.42 -20.48
O1 SIN M . -4.24 -6.26 -21.40
O2 SIN M . -5.90 -5.51 -20.24
C2 SIN M . -5.11 -7.71 -19.70
C3 SIN M . -3.88 -8.53 -20.06
C4 SIN M . -4.29 -9.83 -20.69
O3 SIN M . -3.42 -10.67 -21.01
O4 SIN M . -5.50 -10.09 -20.90
C1 SIN N . 31.21 -7.47 11.67
O1 SIN N . 31.60 -6.41 11.13
O2 SIN N . 30.02 -7.55 12.05
C2 SIN N . 32.15 -8.64 11.84
C3 SIN N . 31.88 -9.67 10.74
C4 SIN N . 32.90 -10.78 10.84
O3 SIN N . 34.12 -10.52 10.97
O4 SIN N . 32.55 -11.97 10.81
C1 SIN O . -16.17 10.64 -1.97
O1 SIN O . -15.55 11.29 -2.85
O2 SIN O . -17.33 10.98 -1.69
C2 SIN O . -15.51 9.49 -1.26
C3 SIN O . -14.94 9.97 0.07
C4 SIN O . -14.69 8.79 0.97
O3 SIN O . -13.53 8.51 1.35
O4 SIN O . -15.64 8.07 1.35
C1 SIN P . -22.77 25.20 -8.59
O1 SIN P . -21.85 25.92 -8.16
O2 SIN P . -23.84 25.14 -7.96
C2 SIN P . -22.59 24.39 -9.85
C3 SIN P . -21.11 24.35 -10.22
C4 SIN P . -20.88 23.28 -11.26
O3 SIN P . -19.72 22.96 -11.59
O4 SIN P . -21.85 22.70 -11.81
C1 PGE Q . -35.90 0.32 -4.90
O1 PGE Q . -36.57 1.36 -4.20
C2 PGE Q . -34.84 0.93 -5.79
O2 PGE Q . -34.47 -0.01 -6.78
C3 PGE Q . -33.39 -0.83 -6.40
C4 PGE Q . -33.79 -2.29 -6.57
O4 PGE Q . -32.39 -3.15 -2.13
C6 PGE Q . -32.16 -3.45 -3.50
C5 PGE Q . -33.26 -2.83 -4.33
O3 PGE Q . -33.00 -3.07 -5.70
C1 OLA R . 0.37 12.04 -7.30
O1 OLA R . 0.32 13.28 -7.18
O2 OLA R . 0.72 11.34 -6.33
C2 OLA R . 0.02 11.38 -8.62
C3 OLA R . 0.75 12.10 -9.75
C4 OLA R . 1.63 11.13 -10.54
C5 OLA R . 2.63 11.90 -11.40
C6 OLA R . 4.03 11.83 -10.79
C7 OLA R . 5.08 11.79 -11.91
C8 OLA R . 6.36 11.09 -11.46
C9 OLA R . 7.13 10.72 -12.71
C10 OLA R . 8.37 9.92 -12.63
C11 OLA R . 9.44 10.27 -11.62
C12 OLA R . 10.77 9.69 -12.10
C13 OLA R . 11.65 9.28 -10.93
C14 OLA R . 13.12 9.60 -11.22
C15 OLA R . 14.04 8.50 -10.69
C16 OLA R . 15.50 8.95 -10.72
C17 OLA R . 16.42 7.75 -10.91
C18 OLA R . 16.30 7.17 -12.32
C1 PGO S . -10.43 2.97 0.49
C2 PGO S . -10.31 3.24 -1.01
C3 PGO S . -11.17 4.42 -1.42
O1 PGO S . -9.72 1.78 0.83
O2 PGO S . -10.75 2.07 -1.72
#